data_1ZRD
#
_entry.id   1ZRD
#
_cell.length_a   61.289
_cell.length_b   75.345
_cell.length_c   178.078
_cell.angle_alpha   90.00
_cell.angle_beta   90.00
_cell.angle_gamma   90.00
#
_symmetry.space_group_name_H-M   'P 21 21 21'
#
loop_
_entity.id
_entity.type
_entity.pdbx_description
1 polymer "5'-D(*AP*TP*TP*TP*CP*GP*AP*AP*AP*AP*AP*TP*GP*AP*GP*AP*T)-3'"
2 polymer "5'-D(*CP*TP*AP*GP*AP*TP*CP*TP*CP*AP*TP*TP*TP*TP*TP*CP*GP*AP*AP*AP*T)-3'"
3 polymer 'Catabolite gene activator'
4 non-polymer "ADENOSINE-3',5'-CYCLIC-MONOPHOSPHATE"
5 water water
#
loop_
_entity_poly.entity_id
_entity_poly.type
_entity_poly.pdbx_seq_one_letter_code
_entity_poly.pdbx_strand_id
1 'polydeoxyribonucleotide' (DA)(DT)(DT)(DT)(DC)(DG)(DA)(DA)(DA)(DA)(DA)(DT)(DG)(DA)(DG)(DA)(DT) W,Y
2 'polydeoxyribonucleotide'
;(DC)(DT)(DA)(DG)(DA)(DT)(DC)(DT)(DC)(DA)(DT)(DT)(DT)(DT)(DT)(DC)(DG)(DA)(DA)(DA)
(DT)
;
X,Z
3 'polypeptide(L)'
;VLGKPQTDPTLEWFLSHCHIHKYPSKSTLIHQGEKAETLYYIVKGSVAVLIKDEEGKEMILSYLNQGDFIGELGLFEEGQ
ERSAWVRAKTACEVAEISYKKFRQLIQVNPDILMRLSAQMARRLQVTSEKVGNLAFLDVTGRIAQTLLNLAKQPDAMTHP
DGMQIKITRQEIGQIVGCSRETVGRILKMLEDQNLISAHGKTIVVYGTR
;
A,B
#
# COMPACT_ATOMS: atom_id res chain seq x y z
N ASP E 8 10.09 -11.53 -24.68
CA ASP E 8 10.34 -12.86 -24.02
C ASP E 8 9.11 -13.76 -24.03
N PRO E 9 9.32 -15.09 -24.07
CA PRO E 9 8.29 -16.13 -24.09
C PRO E 9 7.14 -15.98 -23.10
N THR E 10 7.46 -16.12 -21.82
CA THR E 10 6.47 -16.03 -20.74
C THR E 10 5.39 -14.98 -20.94
N LEU E 11 5.74 -13.88 -21.62
CA LEU E 11 4.79 -12.81 -21.84
C LEU E 11 3.98 -12.96 -23.11
N GLU E 12 4.63 -13.31 -24.22
CA GLU E 12 3.91 -13.47 -25.49
C GLU E 12 2.95 -14.64 -25.37
N TRP E 13 3.33 -15.62 -24.56
CA TRP E 13 2.49 -16.78 -24.34
C TRP E 13 1.34 -16.31 -23.44
N PHE E 14 1.64 -15.29 -22.64
CA PHE E 14 0.65 -14.72 -21.74
C PHE E 14 -0.38 -13.99 -22.61
N LEU E 15 0.09 -13.03 -23.39
CA LEU E 15 -0.79 -12.27 -24.25
C LEU E 15 -1.56 -13.22 -25.18
N SER E 16 -0.89 -14.28 -25.61
CA SER E 16 -1.54 -15.21 -26.52
C SER E 16 -2.88 -15.69 -25.96
N HIS E 17 -3.02 -15.70 -24.64
CA HIS E 17 -4.26 -16.15 -24.02
C HIS E 17 -5.16 -15.02 -23.58
N CYS E 18 -4.74 -13.80 -23.83
CA CYS E 18 -5.53 -12.65 -23.44
C CYS E 18 -6.42 -12.13 -24.56
N HIS E 19 -7.30 -11.21 -24.19
CA HIS E 19 -8.27 -10.60 -25.09
C HIS E 19 -7.92 -9.10 -25.06
N ILE E 20 -7.30 -8.59 -26.13
CA ILE E 20 -6.92 -7.17 -26.17
C ILE E 20 -8.04 -6.16 -26.41
N HIS E 21 -8.01 -5.08 -25.65
CA HIS E 21 -9.00 -4.04 -25.77
C HIS E 21 -8.27 -2.74 -25.87
N LYS E 22 -8.95 -1.73 -26.41
CA LYS E 22 -8.35 -0.42 -26.52
C LYS E 22 -9.28 0.55 -25.85
N TYR E 23 -8.69 1.56 -25.20
CA TYR E 23 -9.46 2.58 -24.50
C TYR E 23 -8.93 3.94 -24.91
N PRO E 24 -9.81 4.91 -25.04
CA PRO E 24 -9.29 6.22 -25.42
C PRO E 24 -8.83 6.96 -24.18
N SER E 25 -8.04 8.01 -24.40
CA SER E 25 -7.56 8.82 -23.32
C SER E 25 -8.75 9.29 -22.50
N LYS E 26 -8.58 9.28 -21.18
CA LYS E 26 -9.59 9.73 -20.24
C LYS E 26 -10.74 8.78 -19.96
N SER E 27 -10.76 7.64 -20.64
CA SER E 27 -11.82 6.67 -20.41
C SER E 27 -11.58 5.83 -19.14
N THR E 28 -12.66 5.26 -18.61
CA THR E 28 -12.62 4.47 -17.40
C THR E 28 -12.45 2.99 -17.70
N LEU E 29 -11.41 2.37 -17.14
CA LEU E 29 -11.20 0.95 -17.38
C LEU E 29 -11.77 0.11 -16.22
N ILE E 30 -11.66 0.64 -15.01
CA ILE E 30 -12.12 -0.06 -13.84
C ILE E 30 -12.95 0.81 -12.91
N HIS E 31 -14.12 0.32 -12.50
CA HIS E 31 -14.98 1.08 -11.59
C HIS E 31 -14.88 0.48 -10.20
N GLN E 32 -14.41 1.28 -9.25
CA GLN E 32 -14.30 0.83 -7.88
C GLN E 32 -15.67 0.31 -7.44
N GLY E 33 -15.68 -0.73 -6.63
CA GLY E 33 -16.95 -1.24 -6.17
C GLY E 33 -17.51 -2.41 -6.95
N GLU E 34 -17.09 -2.56 -8.20
CA GLU E 34 -17.60 -3.67 -8.99
C GLU E 34 -16.91 -4.96 -8.64
N LYS E 35 -17.54 -6.07 -9.03
CA LYS E 35 -17.01 -7.38 -8.74
C LYS E 35 -15.90 -7.75 -9.70
N ALA E 36 -14.73 -8.06 -9.13
CA ALA E 36 -13.55 -8.43 -9.90
C ALA E 36 -13.68 -9.84 -10.44
N GLU E 37 -13.27 -10.03 -11.69
CA GLU E 37 -13.32 -11.33 -12.31
C GLU E 37 -12.38 -11.25 -13.49
N THR E 38 -11.68 -10.12 -13.62
CA THR E 38 -10.77 -9.89 -14.73
C THR E 38 -9.40 -9.32 -14.33
N LEU E 39 -8.41 -9.58 -15.18
CA LEU E 39 -7.05 -9.08 -14.98
C LEU E 39 -6.65 -8.21 -16.18
N TYR E 40 -5.79 -7.23 -15.94
CA TYR E 40 -5.33 -6.31 -17.00
C TYR E 40 -3.81 -6.13 -17.09
N TYR E 41 -3.29 -6.03 -18.30
CA TYR E 41 -1.86 -5.82 -18.49
C TYR E 41 -1.74 -4.68 -19.49
N ILE E 42 -1.11 -3.57 -19.09
CA ILE E 42 -0.96 -2.43 -19.99
C ILE E 42 0.14 -2.68 -21.02
N VAL E 43 -0.29 -3.00 -22.24
CA VAL E 43 0.64 -3.26 -23.36
C VAL E 43 1.21 -1.95 -23.89
N LYS E 44 0.38 -0.91 -23.95
CA LYS E 44 0.86 0.39 -24.41
C LYS E 44 0.02 1.51 -23.82
N GLY E 45 0.70 2.57 -23.37
CA GLY E 45 -0.01 3.70 -22.80
C GLY E 45 0.18 3.78 -21.30
N SER E 46 -0.61 4.64 -20.66
CA SER E 46 -0.50 4.79 -19.20
C SER E 46 -1.84 5.13 -18.52
N VAL E 47 -2.03 4.63 -17.29
CA VAL E 47 -3.27 4.92 -16.56
C VAL E 47 -3.06 5.62 -15.20
N ALA E 48 -4.15 6.01 -14.57
CA ALA E 48 -4.08 6.66 -13.28
C ALA E 48 -4.97 5.90 -12.30
N VAL E 49 -4.38 5.43 -11.21
CA VAL E 49 -5.15 4.72 -10.20
C VAL E 49 -5.68 5.75 -9.21
N LEU E 50 -6.99 5.80 -9.00
CA LEU E 50 -7.49 6.78 -8.02
C LEU E 50 -8.76 6.40 -7.23
N ILE E 51 -8.90 7.01 -6.06
CA ILE E 51 -10.02 6.75 -5.16
C ILE E 51 -10.83 8.01 -4.94
N LYS E 52 -12.10 7.83 -4.58
CA LYS E 52 -13.02 8.96 -4.35
C LYS E 52 -13.60 8.90 -2.96
N ASP E 53 -14.11 10.03 -2.48
CA ASP E 53 -14.77 10.07 -1.18
C ASP E 53 -16.23 10.32 -1.51
N GLU E 54 -17.13 10.24 -0.54
CA GLU E 54 -18.55 10.45 -0.83
C GLU E 54 -18.76 11.78 -1.57
N GLU E 55 -18.04 12.83 -1.16
CA GLU E 55 -18.18 14.13 -1.80
C GLU E 55 -17.59 14.22 -3.22
N GLY E 56 -17.04 13.11 -3.71
CA GLY E 56 -16.47 13.09 -5.04
C GLY E 56 -15.00 13.44 -5.11
N LYS E 57 -14.41 13.85 -3.99
CA LYS E 57 -12.99 14.19 -3.99
C LYS E 57 -12.17 13.03 -4.50
N GLU E 58 -11.21 13.34 -5.37
CA GLU E 58 -10.36 12.31 -5.94
C GLU E 58 -8.93 12.35 -5.44
N MET E 59 -8.36 11.17 -5.19
CA MET E 59 -6.99 11.01 -4.73
C MET E 59 -6.27 10.06 -5.69
N ILE E 60 -5.06 10.44 -6.06
CA ILE E 60 -4.29 9.66 -6.99
C ILE E 60 -3.34 8.79 -6.22
N LEU E 61 -3.63 7.49 -6.22
CA LEU E 61 -2.79 6.53 -5.52
C LEU E 61 -1.54 6.27 -6.33
N SER E 62 -1.70 6.14 -7.64
CA SER E 62 -0.55 5.84 -8.48
C SER E 62 -0.78 6.04 -9.98
N TYR E 63 0.33 6.02 -10.72
CA TYR E 63 0.26 6.10 -12.16
C TYR E 63 0.83 4.75 -12.55
N LEU E 64 0.17 4.07 -13.47
CA LEU E 64 0.69 2.79 -13.93
C LEU E 64 1.02 3.00 -15.39
N ASN E 65 2.03 2.27 -15.86
CA ASN E 65 2.46 2.37 -17.23
C ASN E 65 2.73 1.03 -17.89
N GLN E 66 3.17 1.12 -19.14
CA GLN E 66 3.52 -0.01 -19.97
C GLN E 66 4.16 -1.16 -19.18
N GLY E 67 3.63 -2.37 -19.35
CA GLY E 67 4.21 -3.49 -18.64
C GLY E 67 3.63 -3.67 -17.25
N ASP E 68 2.90 -2.67 -16.77
CA ASP E 68 2.31 -2.78 -15.43
C ASP E 68 0.98 -3.52 -15.43
N PHE E 69 0.81 -4.42 -14.46
CA PHE E 69 -0.44 -5.19 -14.33
C PHE E 69 -1.55 -4.35 -13.68
N ILE E 70 -2.81 -4.70 -13.99
CA ILE E 70 -3.93 -3.98 -13.40
C ILE E 70 -5.12 -4.86 -13.08
N GLY E 71 -5.76 -4.57 -11.95
CA GLY E 71 -6.92 -5.31 -11.55
C GLY E 71 -6.65 -6.63 -10.86
N GLU E 72 -5.43 -6.79 -10.33
CA GLU E 72 -5.05 -8.03 -9.67
C GLU E 72 -5.50 -8.18 -8.22
N LEU E 73 -5.65 -7.09 -7.50
CA LEU E 73 -6.03 -7.21 -6.10
C LEU E 73 -7.23 -8.12 -5.81
N GLY E 74 -8.11 -8.28 -6.79
CA GLY E 74 -9.28 -9.11 -6.57
C GLY E 74 -9.04 -10.59 -6.82
N LEU E 75 -8.02 -10.89 -7.61
CA LEU E 75 -7.65 -12.25 -7.99
C LEU E 75 -7.30 -13.26 -6.89
N PHE E 76 -7.21 -12.86 -5.64
CA PHE E 76 -6.85 -13.87 -4.65
C PHE E 76 -7.98 -14.40 -3.78
N GLU E 77 -9.04 -13.63 -3.62
CA GLU E 77 -10.17 -14.07 -2.80
C GLU E 77 -11.49 -13.91 -3.56
N GLU E 78 -12.42 -14.80 -3.25
CA GLU E 78 -13.73 -14.79 -3.87
C GLU E 78 -14.53 -13.61 -3.39
N GLY E 79 -15.53 -13.22 -4.16
CA GLY E 79 -16.36 -12.09 -3.77
C GLY E 79 -15.56 -10.88 -3.38
N GLN E 80 -14.87 -10.31 -4.35
CA GLN E 80 -14.05 -9.12 -4.09
C GLN E 80 -14.45 -8.00 -5.04
N GLU E 81 -14.32 -6.77 -4.57
CA GLU E 81 -14.65 -5.58 -5.34
C GLU E 81 -13.39 -4.85 -5.78
N ARG E 82 -13.47 -4.12 -6.89
CA ARG E 82 -12.31 -3.38 -7.39
C ARG E 82 -12.01 -2.32 -6.33
N SER E 83 -10.77 -2.30 -5.85
CA SER E 83 -10.32 -1.36 -4.81
C SER E 83 -10.38 0.10 -5.20
N ALA E 84 -10.13 0.40 -6.48
CA ALA E 84 -10.14 1.78 -6.96
C ALA E 84 -10.57 1.96 -8.42
N TRP E 85 -10.69 3.20 -8.84
CA TRP E 85 -11.02 3.51 -10.22
C TRP E 85 -9.67 3.53 -10.94
N VAL E 86 -9.68 3.22 -12.23
CA VAL E 86 -8.48 3.28 -13.03
C VAL E 86 -8.96 3.95 -14.28
N ARG E 87 -8.37 5.10 -14.57
CA ARG E 87 -8.76 5.89 -15.73
C ARG E 87 -7.54 6.16 -16.61
N ALA E 88 -7.68 5.94 -17.91
CA ALA E 88 -6.59 6.15 -18.87
C ALA E 88 -6.04 7.57 -18.87
N LYS E 89 -4.72 7.69 -18.96
CA LYS E 89 -4.08 9.01 -19.02
C LYS E 89 -3.95 9.32 -20.50
N THR E 90 -3.32 8.39 -21.19
CA THR E 90 -3.13 8.48 -22.63
C THR E 90 -3.95 7.35 -23.24
N ALA E 91 -4.01 7.27 -24.56
CA ALA E 91 -4.77 6.20 -25.18
C ALA E 91 -3.99 4.93 -24.86
N CYS E 92 -4.67 3.88 -24.38
CA CYS E 92 -3.98 2.63 -24.08
C CYS E 92 -4.51 1.45 -24.84
N GLU E 93 -3.69 0.42 -24.88
CA GLU E 93 -4.04 -0.82 -25.52
C GLU E 93 -3.79 -1.78 -24.36
N VAL E 94 -4.84 -2.34 -23.80
CA VAL E 94 -4.74 -3.21 -22.65
C VAL E 94 -5.08 -4.65 -22.97
N ALA E 95 -4.42 -5.58 -22.30
CA ALA E 95 -4.69 -7.01 -22.46
C ALA E 95 -5.50 -7.38 -21.25
N GLU E 96 -6.59 -8.11 -21.47
CA GLU E 96 -7.48 -8.48 -20.37
C GLU E 96 -7.67 -9.98 -20.40
N ILE E 97 -7.78 -10.59 -19.22
CA ILE E 97 -7.96 -12.03 -19.12
C ILE E 97 -8.80 -12.28 -17.89
N SER E 98 -9.51 -13.41 -17.84
CA SER E 98 -10.35 -13.69 -16.66
C SER E 98 -9.54 -14.22 -15.49
N TYR E 99 -10.14 -14.24 -14.31
CA TYR E 99 -9.44 -14.76 -13.14
C TYR E 99 -9.30 -16.25 -13.24
N LYS E 100 -10.39 -16.92 -13.59
CA LYS E 100 -10.39 -18.37 -13.70
C LYS E 100 -9.46 -18.83 -14.81
N LYS E 101 -9.43 -18.07 -15.89
CA LYS E 101 -8.57 -18.39 -17.03
C LYS E 101 -7.11 -18.13 -16.65
N PHE E 102 -6.90 -17.24 -15.71
CA PHE E 102 -5.56 -16.90 -15.25
C PHE E 102 -5.08 -17.90 -14.20
N ARG E 103 -6.01 -18.41 -13.40
CA ARG E 103 -5.69 -19.39 -12.39
C ARG E 103 -5.14 -20.62 -13.10
N GLN E 104 -5.55 -20.80 -14.35
CA GLN E 104 -5.08 -21.93 -15.15
C GLN E 104 -3.64 -21.73 -15.55
N LEU E 105 -3.36 -20.63 -16.24
CA LEU E 105 -2.01 -20.33 -16.66
C LEU E 105 -0.98 -20.41 -15.53
N ILE E 106 -1.35 -19.84 -14.37
CA ILE E 106 -0.47 -19.84 -13.21
C ILE E 106 -0.02 -21.24 -12.82
N GLN E 107 -0.76 -22.24 -13.30
CA GLN E 107 -0.43 -23.63 -12.98
C GLN E 107 0.11 -24.40 -14.17
N VAL E 108 0.62 -23.68 -15.15
CA VAL E 108 1.24 -24.28 -16.33
C VAL E 108 2.44 -23.39 -16.60
N ASN E 109 2.81 -22.65 -15.55
CA ASN E 109 3.95 -21.74 -15.55
C ASN E 109 3.72 -20.66 -14.50
N PRO E 110 4.03 -20.96 -13.24
CA PRO E 110 3.84 -19.99 -12.16
C PRO E 110 4.81 -18.82 -12.23
N ASP E 111 5.65 -18.81 -13.26
CA ASP E 111 6.60 -17.72 -13.40
C ASP E 111 5.85 -16.43 -13.66
N ILE E 112 4.63 -16.57 -14.14
CA ILE E 112 3.80 -15.42 -14.45
C ILE E 112 3.24 -14.83 -13.16
N LEU E 113 3.03 -15.67 -12.15
CA LEU E 113 2.52 -15.22 -10.86
C LEU E 113 3.62 -14.45 -10.14
N MET E 114 4.82 -15.03 -10.16
CA MET E 114 6.02 -14.46 -9.52
C MET E 114 6.20 -13.03 -9.99
N ARG E 115 5.98 -12.85 -11.29
CA ARG E 115 6.13 -11.58 -11.95
C ARG E 115 5.09 -10.53 -11.57
N LEU E 116 3.91 -10.99 -11.18
CA LEU E 116 2.81 -10.14 -10.81
C LEU E 116 2.93 -9.81 -9.33
N SER E 117 3.47 -10.77 -8.60
CA SER E 117 3.68 -10.60 -7.17
C SER E 117 4.79 -9.56 -7.01
N ALA E 118 5.72 -9.56 -7.97
CA ALA E 118 6.83 -8.64 -7.98
C ALA E 118 6.32 -7.21 -8.12
N GLN E 119 5.32 -7.00 -8.97
CA GLN E 119 4.82 -5.66 -9.12
C GLN E 119 4.05 -5.24 -7.89
N MET E 120 3.46 -6.24 -7.23
CA MET E 120 2.71 -5.95 -6.05
C MET E 120 3.64 -5.46 -4.95
N ALA E 121 4.63 -6.28 -4.63
CA ALA E 121 5.59 -5.92 -3.60
C ALA E 121 6.04 -4.45 -3.74
N ARG E 122 6.35 -4.07 -4.97
CA ARG E 122 6.81 -2.74 -5.27
C ARG E 122 5.75 -1.67 -5.00
N ARG E 123 4.50 -1.98 -5.29
CA ARG E 123 3.42 -1.02 -5.06
C ARG E 123 3.20 -0.82 -3.59
N LEU E 124 3.56 -1.82 -2.80
CA LEU E 124 3.36 -1.73 -1.37
C LEU E 124 4.46 -0.86 -0.79
N GLN E 125 5.68 -0.98 -1.31
CA GLN E 125 6.79 -0.15 -0.85
C GLN E 125 6.37 1.29 -1.13
N VAL E 126 5.99 1.54 -2.37
CA VAL E 126 5.60 2.87 -2.78
C VAL E 126 4.42 3.45 -2.01
N THR E 127 3.36 2.67 -1.86
CA THR E 127 2.21 3.17 -1.13
C THR E 127 2.58 3.40 0.33
N SER E 128 3.43 2.52 0.88
CA SER E 128 3.88 2.69 2.26
C SER E 128 4.63 4.02 2.37
N GLU E 129 5.55 4.24 1.45
CA GLU E 129 6.28 5.49 1.45
C GLU E 129 5.30 6.70 1.42
N LYS E 130 4.21 6.60 0.65
CA LYS E 130 3.23 7.69 0.57
C LYS E 130 2.65 7.93 1.96
N VAL E 131 2.42 6.85 2.71
CA VAL E 131 1.89 6.99 4.05
C VAL E 131 2.88 7.82 4.86
N GLY E 132 4.17 7.53 4.71
CA GLY E 132 5.17 8.27 5.43
C GLY E 132 5.04 9.75 5.09
N ASN E 133 5.24 10.06 3.81
CA ASN E 133 5.17 11.44 3.37
C ASN E 133 4.01 12.26 3.93
N LEU E 134 2.78 11.76 3.79
CA LEU E 134 1.63 12.50 4.27
C LEU E 134 1.80 12.90 5.74
N ALA E 135 2.25 11.93 6.54
CA ALA E 135 2.44 12.11 7.96
C ALA E 135 3.61 13.03 8.35
N PHE E 136 4.80 12.66 7.90
CA PHE E 136 5.99 13.41 8.24
C PHE E 136 6.38 14.62 7.40
N LEU E 137 5.63 14.97 6.35
CA LEU E 137 6.05 16.11 5.55
C LEU E 137 5.09 17.26 5.38
N ASP E 138 5.64 18.46 5.32
CA ASP E 138 4.83 19.64 5.11
C ASP E 138 4.59 19.72 3.58
N VAL E 139 3.47 20.32 3.22
CA VAL E 139 3.08 20.44 1.84
C VAL E 139 4.20 20.84 0.88
N THR E 140 5.07 21.76 1.30
CA THR E 140 6.17 22.12 0.41
C THR E 140 6.93 20.84 0.11
N GLY E 141 7.30 20.12 1.16
CA GLY E 141 8.04 18.89 1.01
C GLY E 141 7.43 17.82 0.11
N ARG E 142 6.13 17.62 0.25
CA ARG E 142 5.42 16.63 -0.55
C ARG E 142 5.38 17.03 -2.01
N ILE E 143 5.11 18.31 -2.25
CA ILE E 143 5.05 18.86 -3.59
C ILE E 143 6.45 18.77 -4.18
N ALA E 144 7.43 19.16 -3.37
CA ALA E 144 8.83 19.10 -3.78
C ALA E 144 9.11 17.67 -4.20
N GLN E 145 8.60 16.74 -3.40
CA GLN E 145 8.78 15.31 -3.64
C GLN E 145 8.09 14.86 -4.93
N THR E 146 6.85 15.30 -5.13
CA THR E 146 6.13 14.91 -6.30
C THR E 146 6.78 15.35 -7.62
N LEU E 147 7.11 16.64 -7.73
CA LEU E 147 7.73 17.11 -8.96
C LEU E 147 8.91 16.23 -9.34
N LEU E 148 9.78 15.94 -8.37
CA LEU E 148 10.96 15.10 -8.60
C LEU E 148 10.61 13.75 -9.17
N ASN E 149 9.52 13.18 -8.67
CA ASN E 149 9.06 11.88 -9.15
C ASN E 149 8.50 12.05 -10.57
N LEU E 150 7.43 12.84 -10.70
CA LEU E 150 6.81 13.06 -11.98
C LEU E 150 7.89 13.36 -12.99
N ALA E 151 8.95 14.01 -12.54
CA ALA E 151 10.04 14.35 -13.45
C ALA E 151 10.72 13.10 -13.98
N LYS E 152 10.52 12.00 -13.25
CA LYS E 152 11.12 10.72 -13.62
C LYS E 152 10.13 9.72 -14.20
N GLN E 153 8.90 10.15 -14.46
CA GLN E 153 7.89 9.30 -15.06
C GLN E 153 8.21 9.18 -16.55
N PRO E 154 8.11 7.98 -17.12
CA PRO E 154 8.41 7.75 -18.54
C PRO E 154 7.85 8.78 -19.52
N ASP E 155 6.77 9.47 -19.17
CA ASP E 155 6.18 10.45 -20.07
C ASP E 155 6.63 11.91 -19.88
N ALA E 156 7.74 12.13 -19.18
CA ALA E 156 8.23 13.49 -19.00
C ALA E 156 8.97 13.88 -20.26
N MET E 157 9.28 15.16 -20.43
CA MET E 157 10.00 15.59 -21.62
C MET E 157 11.35 16.19 -21.26
N THR E 158 12.35 15.91 -22.07
CA THR E 158 13.68 16.44 -21.83
C THR E 158 13.58 17.94 -22.07
N HIS E 159 14.33 18.69 -21.27
CA HIS E 159 14.33 20.14 -21.39
C HIS E 159 15.76 20.65 -21.30
N PRO E 160 16.09 21.68 -22.07
CA PRO E 160 17.44 22.23 -22.04
C PRO E 160 17.98 22.41 -20.63
N ASP E 161 17.14 22.82 -19.68
CA ASP E 161 17.60 23.02 -18.31
C ASP E 161 17.10 21.94 -17.33
N GLY E 162 16.58 20.85 -17.85
CA GLY E 162 16.12 19.81 -16.95
C GLY E 162 15.12 18.87 -17.57
N MET E 163 14.07 18.56 -16.82
CA MET E 163 13.01 17.69 -17.28
C MET E 163 11.78 18.59 -17.26
N GLN E 164 10.82 18.34 -18.15
CA GLN E 164 9.62 19.18 -18.24
C GLN E 164 8.34 18.39 -18.11
N ILE E 165 7.36 18.90 -17.37
CA ILE E 165 6.12 18.17 -17.23
C ILE E 165 4.84 19.00 -17.41
N LYS E 166 3.77 18.31 -17.80
CA LYS E 166 2.47 18.95 -18.01
C LYS E 166 1.49 18.38 -16.97
N ILE E 167 1.13 19.19 -15.99
CA ILE E 167 0.19 18.73 -14.97
C ILE E 167 -0.41 19.96 -14.33
N THR E 168 -1.65 19.85 -13.86
CA THR E 168 -2.33 20.98 -13.23
C THR E 168 -2.09 21.02 -11.74
N ARG E 169 -2.38 22.17 -11.13
CA ARG E 169 -2.21 22.35 -9.70
C ARG E 169 -3.25 21.45 -9.06
N GLN E 170 -4.40 21.35 -9.73
CA GLN E 170 -5.51 20.54 -9.28
C GLN E 170 -4.98 19.14 -9.10
N GLU E 171 -4.50 18.57 -10.19
CA GLU E 171 -4.01 17.22 -10.09
C GLU E 171 -2.96 17.06 -9.02
N ILE E 172 -1.95 17.92 -9.01
CA ILE E 172 -0.88 17.82 -8.00
C ILE E 172 -1.40 17.71 -6.58
N GLY E 173 -2.49 18.42 -6.28
CA GLY E 173 -3.07 18.37 -4.94
C GLY E 173 -3.74 17.03 -4.67
N GLN E 174 -4.03 16.32 -5.76
CA GLN E 174 -4.67 15.01 -5.70
C GLN E 174 -3.62 13.89 -5.54
N ILE E 175 -2.38 14.28 -5.31
CA ILE E 175 -1.31 13.31 -5.15
C ILE E 175 -0.65 13.52 -3.82
N VAL E 176 -0.71 14.75 -3.33
CA VAL E 176 -0.09 15.10 -2.07
C VAL E 176 -1.16 15.41 -1.03
N GLY E 177 -2.41 15.40 -1.50
CA GLY E 177 -3.51 15.69 -0.62
C GLY E 177 -3.42 17.08 -0.04
N CYS E 178 -4.04 18.04 -0.71
CA CYS E 178 -4.11 19.45 -0.27
C CYS E 178 -4.92 20.16 -1.35
N SER E 179 -5.28 21.41 -1.13
CA SER E 179 -6.08 22.14 -2.14
C SER E 179 -5.26 22.71 -3.27
N ARG E 180 -5.95 23.06 -4.34
CA ARG E 180 -5.32 23.64 -5.51
C ARG E 180 -4.72 24.97 -5.12
N GLU E 181 -5.43 25.71 -4.28
CA GLU E 181 -4.96 27.02 -3.85
C GLU E 181 -3.57 26.96 -3.26
N THR E 182 -3.33 25.94 -2.45
CA THR E 182 -2.04 25.79 -1.78
C THR E 182 -0.93 25.35 -2.73
N VAL E 183 -1.28 24.53 -3.69
CA VAL E 183 -0.29 24.08 -4.65
C VAL E 183 0.14 25.29 -5.49
N GLY E 184 -0.79 26.21 -5.72
CA GLY E 184 -0.46 27.37 -6.51
C GLY E 184 0.53 28.22 -5.76
N ARG E 185 0.18 28.53 -4.53
CA ARG E 185 1.02 29.35 -3.68
C ARG E 185 2.43 28.75 -3.53
N ILE E 186 2.50 27.50 -3.11
CA ILE E 186 3.79 26.86 -2.91
C ILE E 186 4.58 26.86 -4.23
N LEU E 187 3.87 26.64 -5.32
CA LEU E 187 4.51 26.60 -6.63
C LEU E 187 5.29 27.87 -6.90
N LYS E 188 4.67 29.02 -6.62
CA LYS E 188 5.31 30.29 -6.85
C LYS E 188 6.57 30.46 -6.02
N MET E 189 6.58 29.90 -4.82
CA MET E 189 7.74 30.05 -3.98
C MET E 189 8.88 29.17 -4.51
N LEU E 190 8.54 27.99 -5.04
CA LEU E 190 9.58 27.13 -5.57
C LEU E 190 10.22 27.82 -6.81
N GLU E 191 9.49 28.74 -7.43
CA GLU E 191 10.02 29.46 -8.58
C GLU E 191 10.89 30.61 -8.08
N ASP E 192 10.43 31.30 -7.04
CA ASP E 192 11.20 32.38 -6.45
C ASP E 192 12.59 31.86 -6.14
N GLN E 193 12.65 30.61 -5.73
CA GLN E 193 13.91 29.99 -5.36
C GLN E 193 14.63 29.36 -6.54
N ASN E 194 14.30 29.83 -7.74
CA ASN E 194 14.92 29.32 -8.96
C ASN E 194 15.07 27.80 -8.94
N LEU E 195 14.05 27.11 -8.43
CA LEU E 195 14.10 25.65 -8.38
C LEU E 195 13.33 25.04 -9.53
N ILE E 196 12.33 25.78 -10.01
CA ILE E 196 11.51 25.37 -11.14
C ILE E 196 10.98 26.63 -11.77
N SER E 197 10.41 26.47 -12.96
CA SER E 197 9.82 27.55 -13.73
C SER E 197 8.45 27.04 -14.13
N ALA E 198 7.40 27.76 -13.73
CA ALA E 198 6.05 27.30 -14.01
C ALA E 198 5.21 28.22 -14.86
N HIS E 199 4.97 27.80 -16.08
CA HIS E 199 4.14 28.60 -17.01
C HIS E 199 2.90 27.78 -17.33
N GLY E 200 1.76 28.20 -16.83
CA GLY E 200 0.56 27.44 -17.11
C GLY E 200 0.70 26.04 -16.53
N LYS E 201 0.33 25.04 -17.32
CA LYS E 201 0.37 23.63 -16.93
C LYS E 201 1.74 23.01 -17.16
N THR E 202 2.60 23.74 -17.88
CA THR E 202 3.94 23.28 -18.17
C THR E 202 4.89 23.71 -17.07
N ILE E 203 5.59 22.76 -16.48
CA ILE E 203 6.50 23.06 -15.39
C ILE E 203 7.89 22.51 -15.66
N VAL E 204 8.90 23.36 -15.57
CA VAL E 204 10.23 22.83 -15.80
C VAL E 204 10.95 22.60 -14.49
N VAL E 205 11.40 21.38 -14.28
CA VAL E 205 12.15 21.04 -13.07
C VAL E 205 13.63 21.12 -13.45
N TYR E 206 14.28 22.19 -13.00
CA TYR E 206 15.69 22.42 -13.29
C TYR E 206 16.59 21.27 -12.81
N GLY E 207 17.48 20.81 -13.68
CA GLY E 207 18.38 19.72 -13.32
C GLY E 207 19.27 20.11 -12.16
N ASP F 8 -3.57 -27.07 7.27
CA ASP F 8 -3.72 -27.43 5.83
C ASP F 8 -2.46 -28.12 5.29
N PRO F 9 -2.51 -28.61 4.04
CA PRO F 9 -1.38 -29.29 3.41
C PRO F 9 -0.07 -28.51 3.37
N THR F 10 0.20 -27.93 2.21
CA THR F 10 1.41 -27.16 1.93
C THR F 10 2.07 -26.38 3.06
N LEU F 11 1.29 -25.67 3.87
CA LEU F 11 1.87 -24.85 4.94
C LEU F 11 2.62 -25.64 6.01
N GLU F 12 2.33 -26.94 6.13
CA GLU F 12 3.00 -27.79 7.12
C GLU F 12 4.35 -28.16 6.52
N TRP F 13 4.34 -28.38 5.21
CA TRP F 13 5.55 -28.73 4.47
C TRP F 13 6.52 -27.56 4.47
N PHE F 14 6.00 -26.35 4.26
CA PHE F 14 6.80 -25.13 4.24
C PHE F 14 7.56 -25.00 5.57
N LEU F 15 6.81 -24.83 6.65
CA LEU F 15 7.39 -24.70 7.97
C LEU F 15 8.47 -25.74 8.22
N SER F 16 8.32 -26.88 7.56
CA SER F 16 9.28 -27.97 7.70
C SER F 16 10.68 -27.44 7.42
N HIS F 17 10.81 -26.79 6.26
CA HIS F 17 12.08 -26.24 5.81
C HIS F 17 12.42 -24.88 6.40
N CYS F 18 11.65 -24.46 7.40
CA CYS F 18 11.91 -23.18 8.06
C CYS F 18 12.68 -23.42 9.37
N HIS F 19 13.39 -22.38 9.82
CA HIS F 19 14.19 -22.47 11.03
C HIS F 19 13.61 -21.58 12.14
N ILE F 20 12.54 -22.05 12.76
CA ILE F 20 11.87 -21.31 13.82
C ILE F 20 12.81 -20.69 14.87
N HIS F 21 12.43 -19.49 15.35
CA HIS F 21 13.20 -18.77 16.35
C HIS F 21 12.30 -18.02 17.31
N LYS F 22 12.87 -17.63 18.44
CA LYS F 22 12.13 -16.93 19.49
C LYS F 22 12.50 -15.46 19.54
N TYR F 23 11.50 -14.63 19.82
CA TYR F 23 11.70 -13.20 19.93
C TYR F 23 10.83 -12.66 21.08
N PRO F 24 11.46 -12.04 22.08
CA PRO F 24 10.73 -11.48 23.23
C PRO F 24 10.04 -10.16 22.87
N SER F 25 8.81 -9.99 23.36
CA SER F 25 8.04 -8.78 23.08
C SER F 25 8.85 -7.50 23.22
N LYS F 26 8.73 -6.63 22.21
CA LYS F 26 9.42 -5.33 22.13
C LYS F 26 10.82 -5.40 21.54
N SER F 27 11.20 -6.57 21.04
CA SER F 27 12.52 -6.74 20.41
C SER F 27 12.29 -6.53 18.92
N THR F 28 13.26 -5.95 18.23
CA THR F 28 13.11 -5.72 16.80
C THR F 28 13.48 -6.90 15.93
N LEU F 29 12.55 -7.32 15.08
CA LEU F 29 12.75 -8.45 14.17
C LEU F 29 13.35 -8.06 12.82
N ILE F 30 13.15 -6.80 12.40
CA ILE F 30 13.64 -6.30 11.13
C ILE F 30 14.00 -4.82 11.25
N HIS F 31 15.09 -4.42 10.60
CA HIS F 31 15.56 -3.04 10.61
C HIS F 31 15.51 -2.40 9.23
N GLN F 32 15.09 -1.14 9.19
CA GLN F 32 15.06 -0.42 7.92
C GLN F 32 16.50 -0.29 7.42
N GLY F 33 16.67 -0.11 6.12
CA GLY F 33 18.01 0.03 5.58
C GLY F 33 18.74 -1.30 5.53
N GLU F 34 18.21 -2.28 6.25
CA GLU F 34 18.81 -3.61 6.30
C GLU F 34 18.68 -4.33 4.96
N LYS F 35 19.78 -4.96 4.52
CA LYS F 35 19.75 -5.73 3.29
C LYS F 35 18.85 -6.89 3.65
N ALA F 36 18.01 -7.35 2.71
CA ALA F 36 17.10 -8.43 3.01
C ALA F 36 17.39 -9.71 2.24
N GLU F 37 17.27 -10.85 2.91
CA GLU F 37 17.46 -12.17 2.29
C GLU F 37 16.70 -13.15 3.15
N THR F 38 15.76 -12.65 3.93
CA THR F 38 15.05 -13.57 4.79
C THR F 38 13.57 -13.32 4.81
N LEU F 39 12.80 -14.38 4.62
CA LEU F 39 11.36 -14.32 4.65
C LEU F 39 10.94 -14.95 5.96
N TYR F 40 10.16 -14.23 6.75
CA TYR F 40 9.73 -14.74 8.04
C TYR F 40 8.28 -15.17 8.01
N TYR F 41 7.88 -15.95 9.00
CA TYR F 41 6.51 -16.41 9.12
C TYR F 41 6.17 -16.45 10.60
N ILE F 42 5.07 -15.79 10.97
CA ILE F 42 4.67 -15.74 12.36
C ILE F 42 3.80 -16.94 12.76
N VAL F 43 4.40 -17.86 13.51
CA VAL F 43 3.69 -19.04 13.95
C VAL F 43 2.85 -18.74 15.17
N LYS F 44 3.34 -17.85 16.03
CA LYS F 44 2.64 -17.47 17.25
C LYS F 44 3.14 -16.10 17.73
N GLY F 45 2.21 -15.21 18.02
CA GLY F 45 2.57 -13.89 18.47
C GLY F 45 2.03 -12.85 17.51
N SER F 46 2.40 -11.60 17.75
CA SER F 46 1.96 -10.53 16.90
C SER F 46 3.05 -9.48 16.87
N VAL F 47 3.19 -8.78 15.74
CA VAL F 47 4.18 -7.73 15.62
C VAL F 47 3.49 -6.45 15.16
N ALA F 48 4.27 -5.39 15.03
CA ALA F 48 3.78 -4.09 14.60
C ALA F 48 4.72 -3.61 13.52
N VAL F 49 4.21 -3.39 12.31
CA VAL F 49 5.08 -2.90 11.24
C VAL F 49 5.08 -1.38 11.36
N LEU F 50 6.27 -0.77 11.45
CA LEU F 50 6.31 0.68 11.61
C LEU F 50 7.48 1.42 10.96
N ILE F 51 7.26 2.70 10.66
CA ILE F 51 8.26 3.56 10.04
C ILE F 51 8.50 4.82 10.90
N LYS F 52 9.65 5.47 10.69
CA LYS F 52 10.01 6.66 11.45
C LYS F 52 10.40 7.84 10.57
N ASP F 53 10.32 9.05 11.13
CA ASP F 53 10.73 10.24 10.40
C ASP F 53 12.17 10.50 10.83
N GLU F 54 12.82 11.50 10.24
CA GLU F 54 14.21 11.80 10.58
C GLU F 54 14.40 12.31 12.03
N GLU F 55 13.32 12.37 12.80
CA GLU F 55 13.37 12.82 14.19
C GLU F 55 13.18 11.64 15.14
N GLY F 56 12.97 10.46 14.57
CA GLY F 56 12.78 9.27 15.39
C GLY F 56 11.31 9.00 15.67
N LYS F 57 10.47 9.98 15.34
CA LYS F 57 9.02 9.86 15.54
C LYS F 57 8.57 8.64 14.75
N GLU F 58 7.63 7.86 15.28
CA GLU F 58 7.17 6.68 14.57
C GLU F 58 5.68 6.50 14.32
N MET F 59 5.38 5.98 13.14
CA MET F 59 4.01 5.69 12.75
C MET F 59 3.89 4.17 12.57
N ILE F 60 2.73 3.62 12.95
CA ILE F 60 2.47 2.19 12.81
C ILE F 60 1.82 1.98 11.46
N LEU F 61 2.44 1.22 10.56
CA LEU F 61 1.84 0.99 9.25
C LEU F 61 0.77 -0.10 9.33
N SER F 62 1.00 -1.06 10.20
CA SER F 62 0.07 -2.18 10.36
C SER F 62 0.45 -3.09 11.51
N TYR F 63 -0.43 -4.05 11.76
CA TYR F 63 -0.19 -5.06 12.78
C TYR F 63 -0.26 -6.36 12.00
N LEU F 64 0.68 -7.28 12.26
CA LEU F 64 0.68 -8.57 11.61
C LEU F 64 0.61 -9.63 12.70
N ASN F 65 -0.41 -10.47 12.64
CA ASN F 65 -0.56 -11.50 13.65
C ASN F 65 -0.09 -12.84 13.12
N GLN F 66 -0.63 -13.89 13.73
CA GLN F 66 -0.30 -15.27 13.39
C GLN F 66 -0.64 -15.60 11.93
N GLY F 67 0.03 -16.61 11.38
CA GLY F 67 -0.23 -16.99 10.00
C GLY F 67 0.16 -15.94 8.98
N ASP F 68 0.76 -14.84 9.44
CA ASP F 68 1.19 -13.75 8.55
C ASP F 68 2.69 -13.80 8.18
N PHE F 69 2.99 -13.45 6.93
CA PHE F 69 4.36 -13.42 6.42
C PHE F 69 5.09 -12.11 6.70
N ILE F 70 6.37 -12.17 7.05
CA ILE F 70 7.12 -10.93 7.29
C ILE F 70 8.37 -10.77 6.44
N GLY F 71 8.67 -9.52 6.07
CA GLY F 71 9.83 -9.23 5.27
C GLY F 71 9.74 -9.92 3.93
N GLU F 72 8.54 -9.89 3.37
CA GLU F 72 8.29 -10.53 2.09
C GLU F 72 8.67 -9.63 0.93
N LEU F 73 8.72 -8.34 1.19
CA LEU F 73 9.00 -7.37 0.16
C LEU F 73 10.32 -7.37 -0.60
N GLY F 74 11.42 -7.70 0.06
CA GLY F 74 12.71 -7.70 -0.64
C GLY F 74 12.99 -8.93 -1.47
N LEU F 75 12.00 -9.81 -1.55
CA LEU F 75 12.12 -11.07 -2.27
C LEU F 75 12.03 -11.06 -3.81
N PHE F 76 11.57 -9.96 -4.40
CA PHE F 76 11.45 -9.99 -5.85
C PHE F 76 12.53 -9.29 -6.67
N GLU F 77 13.37 -8.48 -6.03
CA GLU F 77 14.44 -7.80 -6.74
C GLU F 77 15.73 -7.95 -5.97
N GLU F 78 16.84 -7.80 -6.66
CA GLU F 78 18.14 -7.92 -6.04
C GLU F 78 18.52 -6.60 -5.37
N GLY F 79 19.27 -6.70 -4.28
CA GLY F 79 19.72 -5.53 -3.55
C GLY F 79 18.64 -4.67 -2.90
N GLN F 80 17.62 -5.32 -2.34
CA GLN F 80 16.53 -4.60 -1.70
C GLN F 80 16.75 -4.42 -0.18
N GLU F 81 16.29 -3.29 0.36
CA GLU F 81 16.43 -3.04 1.79
C GLU F 81 15.08 -3.05 2.48
N ARG F 82 15.06 -3.45 3.75
CA ARG F 82 13.82 -3.51 4.51
C ARG F 82 13.16 -2.13 4.46
N SER F 83 11.88 -2.13 4.12
CA SER F 83 11.12 -0.91 3.99
C SER F 83 10.61 -0.41 5.33
N ALA F 84 10.75 -1.21 6.36
CA ALA F 84 10.24 -0.81 7.66
C ALA F 84 10.89 -1.57 8.81
N TRP F 85 10.43 -1.28 10.02
CA TRP F 85 10.92 -1.99 11.20
C TRP F 85 9.77 -2.92 11.50
N VAL F 86 10.01 -3.98 12.24
CA VAL F 86 8.93 -4.88 12.57
C VAL F 86 9.20 -5.33 13.98
N ARG F 87 8.54 -4.68 14.93
CA ARG F 87 8.74 -4.93 16.36
C ARG F 87 7.78 -5.97 16.94
N ALA F 88 8.22 -6.67 17.99
CA ALA F 88 7.39 -7.68 18.63
C ALA F 88 6.47 -7.00 19.64
N LYS F 89 5.16 -7.23 19.50
CA LYS F 89 4.19 -6.64 20.44
C LYS F 89 4.02 -7.58 21.62
N THR F 90 4.06 -8.87 21.34
CA THR F 90 3.93 -9.91 22.36
C THR F 90 5.14 -10.77 22.12
N ALA F 91 5.24 -11.89 22.82
CA ALA F 91 6.37 -12.79 22.59
C ALA F 91 6.05 -13.53 21.28
N CYS F 92 6.97 -13.50 20.32
CA CYS F 92 6.70 -14.16 19.04
C CYS F 92 7.51 -15.42 18.77
N GLU F 93 6.88 -16.33 18.03
CA GLU F 93 7.51 -17.57 17.65
C GLU F 93 7.48 -17.50 16.12
N VAL F 94 8.60 -17.10 15.53
CA VAL F 94 8.69 -16.92 14.08
C VAL F 94 9.66 -17.80 13.30
N ALA F 95 9.17 -18.40 12.22
CA ALA F 95 9.96 -19.27 11.34
C ALA F 95 10.73 -18.47 10.29
N GLU F 96 12.03 -18.72 10.19
CA GLU F 96 12.89 -18.00 9.24
C GLU F 96 13.44 -18.87 8.12
N ILE F 97 13.50 -18.30 6.91
CA ILE F 97 14.04 -19.04 5.77
C ILE F 97 14.60 -18.08 4.73
N SER F 98 15.78 -18.37 4.19
CA SER F 98 16.38 -17.46 3.24
C SER F 98 15.57 -17.28 1.95
N TYR F 99 15.78 -16.15 1.31
CA TYR F 99 15.10 -15.87 0.06
C TYR F 99 15.50 -16.97 -0.93
N LYS F 100 16.81 -17.23 -1.06
CA LYS F 100 17.32 -18.27 -1.95
C LYS F 100 16.58 -19.60 -1.78
N LYS F 101 16.40 -20.00 -0.53
CA LYS F 101 15.72 -21.25 -0.25
C LYS F 101 14.23 -21.15 -0.56
N PHE F 102 13.56 -20.13 -0.03
CA PHE F 102 12.13 -19.98 -0.28
C PHE F 102 11.82 -20.09 -1.77
N ARG F 103 12.60 -19.36 -2.58
CA ARG F 103 12.37 -19.36 -4.02
C ARG F 103 12.37 -20.80 -4.54
N GLN F 104 13.11 -21.67 -3.87
CA GLN F 104 13.14 -23.06 -4.27
C GLN F 104 11.85 -23.77 -3.86
N LEU F 105 11.35 -23.47 -2.66
CA LEU F 105 10.12 -24.10 -2.20
C LEU F 105 8.96 -23.81 -3.14
N ILE F 106 9.10 -22.74 -3.93
CA ILE F 106 8.07 -22.34 -4.89
C ILE F 106 8.14 -23.17 -6.15
N GLN F 107 9.36 -23.41 -6.62
CA GLN F 107 9.59 -24.18 -7.83
C GLN F 107 8.78 -25.47 -7.83
N VAL F 108 8.90 -26.21 -6.73
CA VAL F 108 8.21 -27.49 -6.60
C VAL F 108 6.72 -27.39 -6.34
N ASN F 109 6.30 -26.31 -5.70
CA ASN F 109 4.88 -26.10 -5.38
C ASN F 109 4.52 -24.62 -5.30
N PRO F 110 4.18 -24.01 -6.44
CA PRO F 110 3.81 -22.59 -6.51
C PRO F 110 2.56 -22.23 -5.71
N ASP F 111 1.95 -23.20 -5.06
CA ASP F 111 0.76 -22.96 -4.27
C ASP F 111 1.12 -22.11 -3.04
N ILE F 112 2.39 -22.20 -2.64
CA ILE F 112 2.87 -21.48 -1.47
C ILE F 112 3.06 -19.98 -1.72
N LEU F 113 3.39 -19.62 -2.96
CA LEU F 113 3.56 -18.21 -3.32
C LEU F 113 2.18 -17.61 -3.46
N MET F 114 1.21 -18.45 -3.80
CA MET F 114 -0.16 -17.99 -3.95
C MET F 114 -0.65 -17.48 -2.58
N ARG F 115 -0.22 -18.15 -1.49
CA ARG F 115 -0.60 -17.74 -0.14
C ARG F 115 0.03 -16.39 0.16
N LEU F 116 1.30 -16.28 -0.20
CA LEU F 116 2.04 -15.05 0.01
C LEU F 116 1.40 -13.89 -0.74
N SER F 117 1.30 -14.04 -2.06
CA SER F 117 0.71 -13.02 -2.94
C SER F 117 -0.64 -12.50 -2.50
N ALA F 118 -1.47 -13.42 -1.99
CA ALA F 118 -2.80 -13.11 -1.50
C ALA F 118 -2.71 -12.15 -0.32
N GLN F 119 -1.72 -12.39 0.52
CA GLN F 119 -1.49 -11.54 1.69
C GLN F 119 -0.91 -10.20 1.28
N MET F 120 -0.09 -10.20 0.24
CA MET F 120 0.48 -8.96 -0.24
C MET F 120 -0.70 -8.16 -0.77
N ALA F 121 -1.51 -8.80 -1.61
CA ALA F 121 -2.68 -8.14 -2.19
C ALA F 121 -3.53 -7.47 -1.12
N ARG F 122 -3.84 -8.20 -0.06
CA ARG F 122 -4.67 -7.66 1.01
C ARG F 122 -3.99 -6.43 1.61
N ARG F 123 -2.72 -6.53 2.00
CA ARG F 123 -2.02 -5.38 2.59
C ARG F 123 -2.16 -4.15 1.69
N LEU F 124 -1.96 -4.34 0.40
CA LEU F 124 -2.08 -3.24 -0.53
C LEU F 124 -3.46 -2.56 -0.43
N GLN F 125 -4.52 -3.35 -0.32
CA GLN F 125 -5.86 -2.78 -0.19
C GLN F 125 -5.94 -1.93 1.05
N VAL F 126 -5.52 -2.51 2.17
CA VAL F 126 -5.56 -1.79 3.43
C VAL F 126 -4.62 -0.57 3.48
N THR F 127 -3.39 -0.73 3.02
CA THR F 127 -2.48 0.40 3.05
C THR F 127 -3.07 1.50 2.17
N SER F 128 -3.66 1.10 1.05
CA SER F 128 -4.27 2.05 0.13
C SER F 128 -5.42 2.78 0.80
N GLU F 129 -6.31 2.02 1.41
CA GLU F 129 -7.46 2.57 2.10
C GLU F 129 -6.94 3.54 3.15
N LYS F 130 -5.80 3.19 3.73
CA LYS F 130 -5.17 4.02 4.74
C LYS F 130 -4.75 5.37 4.18
N VAL F 131 -4.12 5.35 3.00
CA VAL F 131 -3.69 6.60 2.40
C VAL F 131 -4.93 7.48 2.21
N GLY F 132 -6.03 6.86 1.79
CA GLY F 132 -7.25 7.64 1.63
C GLY F 132 -7.64 8.36 2.91
N ASN F 133 -7.94 7.59 3.95
CA ASN F 133 -8.31 8.14 5.26
C ASN F 133 -7.44 9.32 5.62
N LEU F 134 -6.15 9.18 5.37
CA LEU F 134 -5.18 10.22 5.67
C LEU F 134 -5.49 11.54 4.98
N ALA F 135 -5.84 11.48 3.70
CA ALA F 135 -6.14 12.68 2.94
C ALA F 135 -7.61 13.08 3.05
N PHE F 136 -8.50 12.10 2.94
CA PHE F 136 -9.94 12.35 2.99
C PHE F 136 -10.59 12.67 4.33
N LEU F 137 -10.14 12.05 5.42
CA LEU F 137 -10.76 12.32 6.72
C LEU F 137 -9.93 13.15 7.68
N ASP F 138 -10.59 13.62 8.72
CA ASP F 138 -9.98 14.41 9.79
C ASP F 138 -9.58 13.42 10.87
N VAL F 139 -8.92 13.91 11.90
CA VAL F 139 -8.47 13.01 12.98
C VAL F 139 -9.63 12.20 13.56
N THR F 140 -10.79 12.81 13.72
CA THR F 140 -11.93 12.07 14.25
C THR F 140 -12.32 10.94 13.28
N GLY F 141 -12.42 11.27 11.99
CA GLY F 141 -12.79 10.26 11.01
C GLY F 141 -11.76 9.14 11.01
N ARG F 142 -10.50 9.54 11.07
CA ARG F 142 -9.43 8.58 11.07
C ARG F 142 -9.46 7.74 12.33
N ILE F 143 -9.86 8.36 13.43
CA ILE F 143 -9.91 7.63 14.68
C ILE F 143 -11.08 6.66 14.74
N ALA F 144 -12.24 7.08 14.28
CA ALA F 144 -13.40 6.19 14.28
C ALA F 144 -13.00 4.96 13.48
N GLN F 145 -12.44 5.21 12.30
CA GLN F 145 -12.03 4.12 11.43
C GLN F 145 -11.06 3.15 12.09
N THR F 146 -9.98 3.70 12.65
CA THR F 146 -8.96 2.88 13.29
C THR F 146 -9.55 2.11 14.47
N LEU F 147 -10.61 2.64 15.09
CA LEU F 147 -11.21 1.92 16.20
C LEU F 147 -11.90 0.68 15.64
N LEU F 148 -12.63 0.82 14.54
CA LEU F 148 -13.30 -0.32 13.91
C LEU F 148 -12.26 -1.40 13.52
N ASN F 149 -11.10 -0.95 13.06
CA ASN F 149 -10.02 -1.84 12.64
C ASN F 149 -9.42 -2.60 13.81
N LEU F 150 -9.33 -1.94 14.95
CA LEU F 150 -8.75 -2.56 16.14
C LEU F 150 -9.70 -3.64 16.68
N ALA F 151 -10.97 -3.48 16.37
CA ALA F 151 -11.97 -4.43 16.81
C ALA F 151 -11.93 -5.62 15.86
N LYS F 152 -11.20 -5.46 14.77
CA LYS F 152 -11.07 -6.50 13.76
C LYS F 152 -9.87 -7.41 14.04
N GLN F 153 -9.01 -6.96 14.95
CA GLN F 153 -7.82 -7.72 15.30
C GLN F 153 -8.11 -9.00 16.08
N PRO F 154 -7.20 -10.00 15.97
CA PRO F 154 -7.42 -11.26 16.69
C PRO F 154 -7.37 -11.13 18.21
N ASP F 155 -6.40 -10.38 18.74
CA ASP F 155 -6.30 -10.23 20.19
C ASP F 155 -7.37 -9.26 20.72
N ALA F 156 -8.42 -9.09 19.93
CA ALA F 156 -9.53 -8.24 20.30
C ALA F 156 -10.52 -9.15 21.00
N MET F 157 -10.82 -8.84 22.26
CA MET F 157 -11.76 -9.65 23.03
C MET F 157 -13.20 -9.30 22.70
N THR F 158 -14.12 -9.86 23.47
CA THR F 158 -15.53 -9.61 23.24
C THR F 158 -16.19 -8.90 24.42
N HIS F 159 -17.33 -8.26 24.12
CA HIS F 159 -18.10 -7.51 25.10
C HIS F 159 -19.54 -7.49 24.58
N PRO F 160 -20.53 -7.65 25.46
CA PRO F 160 -21.90 -7.62 24.95
C PRO F 160 -22.22 -6.30 24.27
N ASP F 161 -21.61 -5.21 24.74
CA ASP F 161 -21.82 -3.89 24.14
C ASP F 161 -21.20 -3.86 22.74
N GLY F 162 -20.36 -4.83 22.45
CA GLY F 162 -19.70 -4.91 21.15
C GLY F 162 -18.39 -5.68 21.24
N MET F 163 -17.28 -5.03 20.89
CA MET F 163 -15.98 -5.68 20.96
C MET F 163 -15.13 -4.90 21.96
N GLN F 164 -14.07 -5.52 22.47
CA GLN F 164 -13.22 -4.86 23.45
C GLN F 164 -11.73 -4.94 23.14
N ILE F 165 -11.07 -3.79 23.13
CA ILE F 165 -9.64 -3.74 22.83
C ILE F 165 -8.81 -3.10 23.93
N LYS F 166 -7.52 -3.35 23.89
CA LYS F 166 -6.60 -2.80 24.87
C LYS F 166 -5.47 -2.08 24.14
N ILE F 167 -5.44 -0.75 24.27
CA ILE F 167 -4.42 0.06 23.62
C ILE F 167 -4.44 1.47 24.17
N THR F 168 -3.29 2.13 24.11
CA THR F 168 -3.18 3.49 24.61
C THR F 168 -3.44 4.62 23.62
N ARG F 169 -3.80 5.77 24.17
CA ARG F 169 -4.08 6.97 23.39
C ARG F 169 -2.78 7.29 22.67
N GLN F 170 -1.68 7.00 23.33
CA GLN F 170 -0.36 7.22 22.77
C GLN F 170 -0.23 6.41 21.49
N GLU F 171 -0.55 5.12 21.57
CA GLU F 171 -0.44 4.22 20.43
C GLU F 171 -1.44 4.52 19.32
N ILE F 172 -2.62 5.02 19.68
CA ILE F 172 -3.60 5.34 18.66
C ILE F 172 -3.10 6.50 17.81
N GLY F 173 -2.44 7.46 18.46
CA GLY F 173 -1.90 8.59 17.75
C GLY F 173 -0.80 8.18 16.78
N GLN F 174 -0.02 7.17 17.13
CA GLN F 174 1.03 6.73 16.24
C GLN F 174 0.46 5.99 15.02
N ILE F 175 -0.83 5.64 15.12
CA ILE F 175 -1.51 4.93 14.05
C ILE F 175 -2.23 5.90 13.10
N VAL F 176 -2.94 6.88 13.65
CA VAL F 176 -3.66 7.84 12.81
C VAL F 176 -2.77 9.03 12.43
N GLY F 177 -1.70 9.25 13.21
CA GLY F 177 -0.80 10.34 12.93
C GLY F 177 -1.28 11.70 13.43
N CYS F 178 -1.53 11.78 14.73
CA CYS F 178 -1.98 13.02 15.37
C CYS F 178 -1.32 12.99 16.74
N SER F 179 -1.70 13.90 17.63
CA SER F 179 -1.12 13.94 18.97
C SER F 179 -1.89 13.10 19.99
N ARG F 180 -1.22 12.79 21.10
CA ARG F 180 -1.82 12.01 22.19
C ARG F 180 -2.92 12.88 22.80
N GLU F 181 -2.74 14.19 22.70
CA GLU F 181 -3.73 15.13 23.21
C GLU F 181 -4.99 14.98 22.36
N THR F 182 -4.82 15.18 21.06
CA THR F 182 -5.91 15.10 20.10
C THR F 182 -6.69 13.82 20.25
N VAL F 183 -5.98 12.72 20.41
CA VAL F 183 -6.65 11.44 20.60
C VAL F 183 -7.49 11.49 21.88
N GLY F 184 -6.90 12.02 22.95
CA GLY F 184 -7.60 12.10 24.21
C GLY F 184 -8.83 12.98 24.11
N ARG F 185 -8.69 14.10 23.44
CA ARG F 185 -9.81 15.03 23.27
C ARG F 185 -10.94 14.32 22.56
N ILE F 186 -10.61 13.70 21.44
CA ILE F 186 -11.59 13.01 20.63
C ILE F 186 -12.17 11.75 21.29
N LEU F 187 -11.35 10.98 21.98
CA LEU F 187 -11.85 9.78 22.65
C LEU F 187 -13.04 10.11 23.53
N LYS F 188 -12.87 11.10 24.41
CA LYS F 188 -13.96 11.50 25.28
C LYS F 188 -15.15 11.87 24.41
N MET F 189 -14.91 12.80 23.49
CA MET F 189 -15.97 13.25 22.57
C MET F 189 -16.79 12.09 22.02
N LEU F 190 -16.18 10.92 21.87
CA LEU F 190 -16.91 9.76 21.36
C LEU F 190 -17.70 9.11 22.48
N GLU F 191 -17.10 9.05 23.67
CA GLU F 191 -17.74 8.46 24.84
C GLU F 191 -19.00 9.24 25.20
N ASP F 192 -18.94 10.56 24.99
CA ASP F 192 -20.06 11.45 25.29
C ASP F 192 -21.24 11.27 24.33
N GLN F 193 -21.11 10.31 23.40
CA GLN F 193 -22.17 10.06 22.44
C GLN F 193 -22.43 8.56 22.43
N ASN F 194 -22.08 7.92 23.54
CA ASN F 194 -22.22 6.48 23.70
C ASN F 194 -21.98 5.68 22.41
N LEU F 195 -20.73 5.69 21.97
CA LEU F 195 -20.31 4.98 20.76
C LEU F 195 -19.14 4.10 21.16
N ILE F 196 -18.53 4.45 22.27
CA ILE F 196 -17.39 3.70 22.81
C ILE F 196 -17.31 3.90 24.32
N SER F 197 -16.75 2.91 25.01
CA SER F 197 -16.61 2.97 26.46
C SER F 197 -15.13 2.99 26.82
N ALA F 198 -14.61 4.19 27.06
CA ALA F 198 -13.22 4.34 27.42
C ALA F 198 -13.03 4.39 28.94
N HIS F 199 -11.96 3.77 29.40
CA HIS F 199 -11.61 3.74 30.81
C HIS F 199 -10.19 3.20 30.92
N GLY F 200 -9.23 4.10 30.74
CA GLY F 200 -7.83 3.74 30.82
C GLY F 200 -7.28 3.17 29.52
N LYS F 201 -6.43 2.18 29.66
CA LYS F 201 -5.79 1.51 28.53
C LYS F 201 -6.78 0.53 27.87
N THR F 202 -8.05 0.66 28.21
CA THR F 202 -9.07 -0.23 27.65
C THR F 202 -10.18 0.55 26.95
N ILE F 203 -10.51 0.13 25.74
CA ILE F 203 -11.56 0.77 24.96
C ILE F 203 -12.59 -0.27 24.54
N VAL F 204 -13.86 0.10 24.61
CA VAL F 204 -14.94 -0.80 24.22
C VAL F 204 -15.75 -0.11 23.11
N VAL F 205 -15.73 -0.70 21.92
CA VAL F 205 -16.43 -0.15 20.77
C VAL F 205 -17.86 -0.66 20.63
N TYR F 206 -18.82 0.12 21.09
CA TYR F 206 -20.22 -0.29 20.99
C TYR F 206 -20.57 -0.55 19.53
N GLY F 207 -20.84 -1.82 19.22
CA GLY F 207 -21.21 -2.18 17.87
C GLY F 207 -22.19 -3.33 17.84
#